data_4B6G
#
_entry.id   4B6G
#
_cell.length_a   111.268
_cell.length_b   111.268
_cell.length_c   169.861
_cell.angle_alpha   90.00
_cell.angle_beta   90.00
_cell.angle_gamma   120.00
#
_symmetry.space_group_name_H-M   'P 65 2 2'
#
loop_
_entity.id
_entity.type
_entity.pdbx_description
1 polymer 'PUTATIVE ESTERASE'
2 water water
#
_entity_poly.entity_id   1
_entity_poly.type   'polypeptide(L)'
_entity_poly.pdbx_seq_one_letter_code
;ENLYFQGAMELIEQHQIFGGSQQVWAHHAQTLQCEMKFAVYLPNNPENRPLGVIYWLSGLTCTEQNFITKSGFQRYAAEH
QVIVVAPDTSPRGEQVPNDDAYDLGQSAGFYLNATEQPWAANYQMYDYILNELPRLIEKHFPTNGKRSIMGHSMGGHGAL
VLALRNQERYQSVSAFSPILSPSLVPWGEKAFTAYLGKDREKWQQYDANSLIQQGYKVQGMRIDQGLEDEFLPTQLRTED
FIETCRAANQPVDVRFHKGYDHSYYFIASFIGEHIAYHAAFLK
;
_entity_poly.pdbx_strand_id   A,B
#
# COMPACT_ATOMS: atom_id res chain seq x y z
N GLU A 1 -3.27 4.35 25.07
CA GLU A 1 -4.34 3.36 24.98
C GLU A 1 -5.65 4.10 24.71
N ASN A 2 -5.85 4.46 23.45
CA ASN A 2 -7.03 5.20 23.02
C ASN A 2 -7.99 4.23 22.39
N LEU A 3 -9.04 3.88 23.15
CA LEU A 3 -9.95 2.82 22.76
C LEU A 3 -11.24 3.42 22.24
N TYR A 4 -11.95 2.65 21.42
CA TYR A 4 -13.28 3.03 20.98
C TYR A 4 -14.07 1.76 20.74
N PHE A 5 -15.26 1.69 21.29
CA PHE A 5 -16.10 0.51 21.17
C PHE A 5 -17.47 0.88 20.64
N GLN A 6 -17.94 0.07 19.70
CA GLN A 6 -19.30 0.14 19.20
C GLN A 6 -19.90 -1.27 19.29
N GLY A 7 -20.52 -1.55 20.42
CA GLY A 7 -21.06 -2.87 20.65
C GLY A 7 -19.98 -3.93 20.61
N ALA A 8 -20.17 -4.93 19.77
CA ALA A 8 -19.22 -6.01 19.66
C ALA A 8 -17.92 -5.59 18.98
N MET A 9 -17.91 -4.42 18.38
CA MET A 9 -16.75 -3.98 17.61
C MET A 9 -15.83 -3.08 18.41
N GLU A 10 -14.54 -3.35 18.31
CA GLU A 10 -13.51 -2.46 18.84
C GLU A 10 -12.73 -1.83 17.71
N LEU A 11 -12.62 -0.51 17.72
CA LEU A 11 -11.90 0.19 16.67
C LEU A 11 -10.39 0.08 16.91
N ILE A 12 -9.67 -0.46 15.93
CA ILE A 12 -8.23 -0.65 16.05
C ILE A 12 -7.46 0.43 15.30
N GLU A 13 -7.94 0.81 14.12
CA GLU A 13 -7.32 1.85 13.29
C GLU A 13 -8.39 2.71 12.66
N GLN A 14 -8.08 3.98 12.45
CA GLN A 14 -8.90 4.83 11.62
C GLN A 14 -8.00 5.85 10.95
N HIS A 15 -8.16 5.96 9.64
CA HIS A 15 -7.37 6.89 8.86
C HIS A 15 -8.21 7.50 7.76
N GLN A 16 -8.15 8.82 7.61
CA GLN A 16 -8.85 9.47 6.51
C GLN A 16 -8.08 9.21 5.21
N ILE A 17 -8.81 8.92 4.14
CA ILE A 17 -8.18 8.71 2.85
C ILE A 17 -9.21 8.95 1.74
N PHE A 18 -8.82 9.78 0.78
CA PHE A 18 -9.74 10.21 -0.28
C PHE A 18 -11.10 10.62 0.24
N GLY A 19 -11.08 11.37 1.33
CA GLY A 19 -12.28 11.99 1.84
C GLY A 19 -13.14 11.09 2.70
N GLY A 20 -12.81 9.81 2.75
CA GLY A 20 -13.55 8.82 3.50
C GLY A 20 -12.69 8.26 4.62
N SER A 21 -13.20 7.26 5.32
CA SER A 21 -12.53 6.73 6.49
C SER A 21 -12.18 5.26 6.29
N GLN A 22 -10.88 4.96 6.33
CA GLN A 22 -10.42 3.57 6.35
C GLN A 22 -10.29 3.14 7.79
N GLN A 23 -11.10 2.16 8.17
CA GLN A 23 -11.14 1.65 9.53
C GLN A 23 -10.72 0.20 9.58
N VAL A 24 -10.22 -0.22 10.73
CA VAL A 24 -9.99 -1.61 11.04
C VAL A 24 -10.62 -1.86 12.40
N TRP A 25 -11.46 -2.88 12.49
CA TRP A 25 -12.16 -3.20 13.71
C TRP A 25 -11.87 -4.60 14.13
N ALA A 26 -12.03 -4.88 15.41
CA ALA A 26 -11.90 -6.24 15.91
C ALA A 26 -13.20 -6.68 16.58
N HIS A 27 -13.51 -7.96 16.49
CA HIS A 27 -14.70 -8.50 17.13
C HIS A 27 -14.53 -9.96 17.42
N HIS A 28 -15.37 -10.47 18.30
CA HIS A 28 -15.38 -11.89 18.54
C HIS A 28 -16.21 -12.58 17.51
N ALA A 29 -15.60 -13.48 16.76
CA ALA A 29 -16.30 -14.22 15.72
C ALA A 29 -16.82 -15.53 16.33
N GLN A 30 -18.12 -15.60 16.55
CA GLN A 30 -18.74 -16.81 17.09
C GLN A 30 -18.51 -18.03 16.19
N THR A 31 -18.53 -17.84 14.88
CA THR A 31 -18.41 -18.96 13.96
C THR A 31 -17.01 -19.54 13.97
N LEU A 32 -16.02 -18.71 14.32
CA LEU A 32 -14.62 -19.11 14.28
C LEU A 32 -14.04 -19.37 15.68
N GLN A 33 -14.80 -19.03 16.70
CA GLN A 33 -14.31 -19.13 18.10
C GLN A 33 -12.97 -18.43 18.29
N CYS A 34 -12.85 -17.21 17.77
CA CYS A 34 -11.65 -16.42 17.93
C CYS A 34 -11.95 -14.95 17.69
N GLU A 35 -11.00 -14.10 18.03
CA GLU A 35 -11.11 -12.68 17.73
C GLU A 35 -10.66 -12.46 16.29
N MET A 36 -11.37 -11.61 15.58
CA MET A 36 -11.04 -11.31 14.20
C MET A 36 -10.93 -9.82 13.96
N LYS A 37 -10.09 -9.46 13.01
CA LYS A 37 -10.01 -8.10 12.54
C LYS A 37 -10.54 -8.03 11.12
N PHE A 38 -11.20 -6.93 10.81
CA PHE A 38 -11.63 -6.67 9.45
C PHE A 38 -11.50 -5.19 9.16
N ALA A 39 -11.31 -4.86 7.89
CA ALA A 39 -11.23 -3.48 7.46
C ALA A 39 -12.52 -3.05 6.80
N VAL A 40 -12.90 -1.80 7.01
CA VAL A 40 -14.02 -1.22 6.30
C VAL A 40 -13.69 0.20 5.88
N TYR A 41 -13.95 0.49 4.60
CA TYR A 41 -13.80 1.84 4.10
C TYR A 41 -15.16 2.44 3.86
N LEU A 42 -15.35 3.61 4.46
CA LEU A 42 -16.60 4.35 4.41
C LEU A 42 -16.41 5.64 3.64
N PRO A 43 -17.00 5.73 2.46
CA PRO A 43 -16.92 6.97 1.71
C PRO A 43 -17.57 8.08 2.47
N ASN A 44 -17.14 9.30 2.21
CA ASN A 44 -17.78 10.46 2.82
C ASN A 44 -19.30 10.42 2.65
N ASN A 45 -20.02 10.56 3.75
CA ASN A 45 -21.45 10.28 3.77
C ASN A 45 -22.10 10.90 5.00
N PRO A 46 -22.05 12.23 5.09
CA PRO A 46 -22.52 12.93 6.29
C PRO A 46 -23.99 12.63 6.60
N GLU A 47 -24.76 12.36 5.56
CA GLU A 47 -26.20 12.09 5.70
C GLU A 47 -26.53 10.62 5.94
N ASN A 48 -25.53 9.76 6.01
CA ASN A 48 -25.78 8.34 6.26
C ASN A 48 -26.71 7.72 5.23
N ARG A 49 -26.53 8.09 3.98
CA ARG A 49 -27.24 7.49 2.87
C ARG A 49 -26.87 6.00 2.79
N PRO A 50 -27.82 5.11 2.54
CA PRO A 50 -27.45 3.69 2.39
C PRO A 50 -26.62 3.41 1.14
N LEU A 51 -25.52 2.70 1.30
CA LEU A 51 -24.59 2.39 0.23
C LEU A 51 -24.44 0.90 0.10
N GLY A 52 -24.09 0.47 -1.08
CA GLY A 52 -23.85 -0.94 -1.32
C GLY A 52 -22.49 -1.29 -0.77
N VAL A 53 -22.29 -2.59 -0.56
CA VAL A 53 -21.07 -3.12 0.02
C VAL A 53 -20.40 -4.10 -0.91
N ILE A 54 -19.11 -3.91 -1.13
CA ILE A 54 -18.28 -4.91 -1.79
C ILE A 54 -17.38 -5.57 -0.74
N TYR A 55 -17.43 -6.90 -0.66
CA TYR A 55 -16.47 -7.69 0.13
C TYR A 55 -15.29 -8.05 -0.74
N TRP A 56 -14.07 -7.75 -0.27
CA TRP A 56 -12.84 -8.15 -0.92
C TRP A 56 -12.16 -9.24 -0.10
N LEU A 57 -11.97 -10.41 -0.71
CA LEU A 57 -11.33 -11.51 -0.02
C LEU A 57 -9.88 -11.61 -0.46
N SER A 58 -8.99 -11.69 0.51
CA SER A 58 -7.57 -11.74 0.22
C SER A 58 -7.03 -13.16 0.15
N GLY A 59 -5.81 -13.28 -0.40
CA GLY A 59 -5.21 -14.57 -0.67
C GLY A 59 -4.26 -15.07 0.40
N LEU A 60 -3.55 -16.13 0.06
CA LEU A 60 -2.63 -16.76 0.97
C LEU A 60 -1.61 -15.76 1.50
N THR A 61 -1.28 -15.92 2.78
CA THR A 61 -0.28 -15.13 3.51
C THR A 61 -0.74 -13.71 3.86
N CYS A 62 -1.90 -13.30 3.41
CA CYS A 62 -2.38 -11.95 3.66
C CYS A 62 -3.15 -11.85 4.96
N THR A 63 -3.22 -10.63 5.48
CA THR A 63 -4.17 -10.26 6.51
C THR A 63 -5.12 -9.26 5.88
N GLU A 64 -5.86 -8.51 6.68
CA GLU A 64 -6.68 -7.44 6.12
C GLU A 64 -5.82 -6.27 5.62
N GLN A 65 -4.55 -6.26 5.98
CA GLN A 65 -3.71 -5.08 5.72
C GLN A 65 -3.27 -4.96 4.27
N ASN A 66 -3.04 -6.08 3.61
CA ASN A 66 -2.41 -6.04 2.30
C ASN A 66 -3.25 -5.23 1.32
N PHE A 67 -4.54 -5.55 1.23
CA PHE A 67 -5.41 -4.87 0.27
C PHE A 67 -5.60 -3.41 0.63
N ILE A 68 -5.82 -3.10 1.90
CA ILE A 68 -6.13 -1.72 2.26
C ILE A 68 -4.93 -0.81 2.14
N THR A 69 -3.72 -1.35 2.24
CA THR A 69 -2.54 -0.52 2.10
C THR A 69 -1.95 -0.50 0.70
N LYS A 70 -2.12 -1.56 -0.07
CA LYS A 70 -1.40 -1.71 -1.35
C LYS A 70 -2.24 -1.64 -2.59
N SER A 71 -3.56 -1.79 -2.48
CA SER A 71 -4.35 -1.84 -3.70
C SER A 71 -4.68 -0.50 -4.31
N GLY A 72 -4.60 0.56 -3.51
CA GLY A 72 -5.02 1.86 -3.99
C GLY A 72 -6.51 1.98 -4.24
N PHE A 73 -7.32 1.13 -3.62
CA PHE A 73 -8.73 1.04 -4.00
C PHE A 73 -9.59 2.22 -3.52
N GLN A 74 -9.14 2.89 -2.47
CA GLN A 74 -10.02 3.85 -1.79
C GLN A 74 -10.40 4.99 -2.72
N ARG A 75 -9.48 5.41 -3.57
CA ARG A 75 -9.78 6.44 -4.55
C ARG A 75 -11.08 6.12 -5.31
N TYR A 76 -11.19 4.84 -5.68
CA TYR A 76 -12.31 4.41 -6.53
C TYR A 76 -13.57 4.15 -5.72
N ALA A 77 -13.40 3.64 -4.51
CA ALA A 77 -14.55 3.46 -3.65
C ALA A 77 -15.15 4.82 -3.33
N ALA A 78 -14.31 5.82 -3.21
CA ALA A 78 -14.81 7.17 -2.98
C ALA A 78 -15.56 7.71 -4.19
N GLU A 79 -14.97 7.52 -5.36
CA GLU A 79 -15.56 7.93 -6.63
C GLU A 79 -16.94 7.31 -6.82
N HIS A 80 -17.07 6.03 -6.50
CA HIS A 80 -18.30 5.31 -6.73
C HIS A 80 -19.21 5.23 -5.54
N GLN A 81 -18.77 5.81 -4.45
CA GLN A 81 -19.56 5.81 -3.20
C GLN A 81 -20.05 4.42 -2.81
N VAL A 82 -19.10 3.52 -2.63
CA VAL A 82 -19.40 2.19 -2.16
C VAL A 82 -18.54 1.86 -0.96
N ILE A 83 -19.14 1.15 -0.01
CA ILE A 83 -18.44 0.63 1.14
C ILE A 83 -17.67 -0.61 0.73
N VAL A 84 -16.44 -0.71 1.19
CA VAL A 84 -15.65 -1.90 0.91
C VAL A 84 -15.17 -2.52 2.21
N VAL A 85 -15.47 -3.81 2.39
CA VAL A 85 -15.07 -4.57 3.55
C VAL A 85 -14.00 -5.57 3.14
N ALA A 86 -12.87 -5.56 3.85
CA ALA A 86 -11.78 -6.49 3.62
C ALA A 86 -11.56 -7.33 4.88
N PRO A 87 -12.13 -8.53 4.91
CA PRO A 87 -11.93 -9.42 6.05
C PRO A 87 -10.53 -10.02 6.08
N ASP A 88 -10.22 -10.66 7.19
CA ASP A 88 -9.01 -11.46 7.29
C ASP A 88 -9.21 -12.78 6.55
N THR A 89 -8.17 -13.60 6.54
CA THR A 89 -8.10 -14.76 5.64
C THR A 89 -8.13 -16.10 6.38
N SER A 90 -8.14 -16.05 7.71
CA SER A 90 -8.22 -17.25 8.54
C SER A 90 -8.59 -16.84 9.94
N PRO A 91 -8.99 -17.80 10.78
CA PRO A 91 -8.98 -17.53 12.21
C PRO A 91 -7.55 -17.22 12.68
N ARG A 92 -7.46 -16.61 13.85
CA ARG A 92 -6.20 -16.14 14.42
C ARG A 92 -6.20 -16.35 15.90
N GLY A 93 -5.01 -16.57 16.44
CA GLY A 93 -4.85 -16.68 17.88
C GLY A 93 -3.90 -17.82 18.21
N GLU A 94 -3.28 -17.73 19.39
CA GLU A 94 -2.40 -18.80 19.82
C GLU A 94 -3.17 -20.09 20.11
N GLN A 95 -4.48 -19.99 20.29
CA GLN A 95 -5.31 -21.18 20.50
C GLN A 95 -5.80 -21.79 19.19
N VAL A 96 -5.49 -21.14 18.07
CA VAL A 96 -5.92 -21.57 16.74
C VAL A 96 -4.77 -22.34 16.07
N PRO A 97 -5.05 -23.55 15.59
CA PRO A 97 -4.00 -24.35 14.98
C PRO A 97 -3.36 -23.63 13.80
N ASN A 98 -2.11 -23.96 13.53
CA ASN A 98 -1.35 -23.33 12.49
C ASN A 98 -0.47 -24.38 11.83
N ASP A 99 0.17 -23.99 10.74
CA ASP A 99 1.17 -24.81 10.07
C ASP A 99 2.14 -23.86 9.44
N ASP A 100 3.43 -24.15 9.56
CA ASP A 100 4.44 -23.21 9.07
C ASP A 100 4.41 -22.97 7.56
N ALA A 101 3.85 -23.90 6.80
CA ALA A 101 3.75 -23.73 5.35
C ALA A 101 2.88 -22.54 5.03
N TYR A 102 3.23 -21.80 3.99
CA TYR A 102 2.43 -20.63 3.63
C TYR A 102 1.06 -21.00 3.07
N ASP A 103 0.90 -22.25 2.64
CA ASP A 103 -0.34 -22.68 1.99
C ASP A 103 -1.27 -23.47 2.89
N LEU A 104 -1.01 -23.47 4.20
CA LEU A 104 -1.87 -24.19 5.15
C LEU A 104 -1.87 -23.49 6.50
N GLY A 105 -3.00 -23.49 7.19
CA GLY A 105 -3.07 -22.89 8.51
C GLY A 105 -3.41 -21.42 8.48
N GLN A 106 -2.78 -20.64 9.31
CA GLN A 106 -3.18 -19.24 9.42
C GLN A 106 -2.76 -18.50 8.16
N SER A 107 -3.58 -17.53 7.79
CA SER A 107 -3.57 -16.84 6.51
C SER A 107 -3.84 -17.77 5.33
N ALA A 108 -4.47 -18.91 5.60
CA ALA A 108 -4.73 -19.91 4.55
C ALA A 108 -6.01 -20.68 4.83
N GLY A 109 -7.09 -19.95 5.12
CA GLY A 109 -8.33 -20.61 5.51
C GLY A 109 -9.13 -21.23 4.38
N PHE A 110 -8.83 -20.84 3.15
CA PHE A 110 -9.51 -21.36 1.92
C PHE A 110 -11.03 -21.20 1.88
N TYR A 111 -11.53 -20.30 2.70
CA TYR A 111 -12.95 -19.91 2.63
C TYR A 111 -13.87 -21.12 2.58
N LEU A 112 -13.61 -22.08 3.47
CA LEU A 112 -14.40 -23.30 3.56
C LEU A 112 -14.75 -23.54 5.03
N ASN A 113 -15.61 -24.53 5.27
CA ASN A 113 -15.95 -24.99 6.61
C ASN A 113 -15.24 -26.31 6.86
N ALA A 114 -14.19 -26.27 7.65
CA ALA A 114 -13.39 -27.47 7.88
C ALA A 114 -14.13 -28.48 8.74
N THR A 115 -13.88 -29.75 8.47
CA THR A 115 -14.50 -30.83 9.22
C THR A 115 -13.51 -31.68 10.00
N GLU A 116 -12.24 -31.60 9.66
CA GLU A 116 -11.23 -32.46 10.28
C GLU A 116 -10.56 -31.78 11.46
N GLN A 117 -10.32 -32.53 12.53
CA GLN A 117 -9.59 -31.97 13.64
C GLN A 117 -8.12 -31.87 13.26
N PRO A 118 -7.43 -30.86 13.76
CA PRO A 118 -7.94 -29.91 14.74
C PRO A 118 -8.51 -28.64 14.11
N TRP A 119 -8.67 -28.65 12.79
CA TRP A 119 -9.09 -27.48 12.06
C TRP A 119 -10.54 -27.14 12.21
N ALA A 120 -11.36 -28.12 12.52
CA ALA A 120 -12.80 -27.88 12.57
C ALA A 120 -13.18 -26.84 13.61
N ALA A 121 -12.46 -26.78 14.70
CA ALA A 121 -12.83 -25.89 15.78
C ALA A 121 -12.93 -24.43 15.36
N ASN A 122 -12.00 -23.99 14.52
CA ASN A 122 -11.92 -22.58 14.19
C ASN A 122 -12.01 -22.24 12.71
N TYR A 123 -11.74 -23.20 11.82
CA TYR A 123 -11.62 -22.90 10.39
C TYR A 123 -12.97 -23.00 9.69
N GLN A 124 -13.81 -22.03 10.02
CA GLN A 124 -15.15 -21.96 9.43
C GLN A 124 -15.30 -20.65 8.67
N MET A 125 -14.31 -20.35 7.83
CA MET A 125 -14.31 -19.07 7.13
C MET A 125 -15.47 -18.90 6.16
N TYR A 126 -15.95 -19.99 5.59
CA TYR A 126 -17.11 -19.88 4.68
C TYR A 126 -18.33 -19.33 5.43
N ASP A 127 -18.64 -19.92 6.56
CA ASP A 127 -19.76 -19.48 7.43
C ASP A 127 -19.54 -18.02 7.87
N TYR A 128 -18.32 -17.71 8.30
CA TYR A 128 -17.98 -16.37 8.78
C TYR A 128 -18.24 -15.31 7.72
N ILE A 129 -17.73 -15.57 6.51
CA ILE A 129 -17.85 -14.59 5.44
C ILE A 129 -19.27 -14.48 4.90
N LEU A 130 -19.96 -15.62 4.79
CA LEU A 130 -21.31 -15.62 4.24
C LEU A 130 -22.32 -15.01 5.20
N ASN A 131 -22.25 -15.41 6.47
CA ASN A 131 -23.30 -15.12 7.43
C ASN A 131 -22.93 -14.14 8.53
N GLU A 132 -21.89 -14.44 9.30
CA GLU A 132 -21.64 -13.69 10.49
C GLU A 132 -21.15 -12.28 10.23
N LEU A 133 -20.11 -12.14 9.42
CA LEU A 133 -19.55 -10.82 9.21
C LEU A 133 -20.55 -9.86 8.54
N PRO A 134 -21.25 -10.29 7.47
CA PRO A 134 -22.22 -9.37 6.87
C PRO A 134 -23.28 -8.89 7.85
N ARG A 135 -23.71 -9.76 8.76
CA ARG A 135 -24.68 -9.36 9.75
C ARG A 135 -24.17 -8.21 10.64
N LEU A 136 -22.91 -8.29 11.02
CA LEU A 136 -22.26 -7.23 11.79
C LEU A 136 -22.12 -5.94 10.98
N ILE A 137 -21.68 -6.07 9.72
CA ILE A 137 -21.51 -4.91 8.86
C ILE A 137 -22.84 -4.17 8.69
N GLU A 138 -23.90 -4.93 8.44
CA GLU A 138 -25.20 -4.33 8.21
C GLU A 138 -25.76 -3.68 9.47
N LYS A 139 -25.42 -4.21 10.62
CA LYS A 139 -25.87 -3.63 11.90
C LYS A 139 -25.28 -2.25 12.14
N HIS A 140 -24.00 -2.09 11.80
CA HIS A 140 -23.26 -0.92 12.25
C HIS A 140 -22.92 0.13 11.20
N PHE A 141 -23.05 -0.22 9.92
CA PHE A 141 -22.67 0.69 8.85
C PHE A 141 -23.84 0.99 7.92
N PRO A 142 -23.82 2.10 7.22
CA PRO A 142 -25.00 2.51 6.48
C PRO A 142 -25.10 1.80 5.15
N THR A 143 -25.63 0.58 5.14
CA THR A 143 -25.72 -0.19 3.92
C THR A 143 -27.13 -0.22 3.37
N ASN A 144 -27.24 -0.56 2.10
CA ASN A 144 -28.51 -0.58 1.41
C ASN A 144 -29.02 -1.99 1.24
N GLY A 145 -28.43 -2.91 1.96
CA GLY A 145 -28.85 -4.29 1.94
C GLY A 145 -28.38 -5.09 0.74
N LYS A 146 -27.57 -4.49 -0.11
CA LYS A 146 -27.01 -5.20 -1.26
C LYS A 146 -25.51 -5.38 -1.08
N ARG A 147 -24.99 -6.45 -1.65
CA ARG A 147 -23.56 -6.73 -1.55
C ARG A 147 -23.09 -7.45 -2.79
N SER A 148 -21.81 -7.27 -3.08
CA SER A 148 -21.09 -7.99 -4.11
C SER A 148 -19.81 -8.51 -3.50
N ILE A 149 -19.10 -9.35 -4.23
CA ILE A 149 -17.92 -9.99 -3.69
C ILE A 149 -16.84 -10.17 -4.75
N MET A 150 -15.60 -10.05 -4.32
CA MET A 150 -14.46 -10.22 -5.22
C MET A 150 -13.25 -10.59 -4.38
N GLY A 151 -12.15 -10.95 -5.03
CA GLY A 151 -10.95 -11.27 -4.30
C GLY A 151 -9.82 -11.68 -5.18
N HIS A 152 -8.68 -11.98 -4.55
CA HIS A 152 -7.45 -12.33 -5.24
C HIS A 152 -7.00 -13.72 -4.83
N SER A 153 -6.75 -14.58 -5.81
CA SER A 153 -6.08 -15.88 -5.60
C SER A 153 -6.94 -16.83 -4.73
N MET A 154 -6.50 -17.26 -3.55
CA MET A 154 -7.39 -17.95 -2.63
C MET A 154 -8.68 -17.15 -2.38
N GLY A 155 -8.58 -15.83 -2.38
CA GLY A 155 -9.74 -14.98 -2.22
C GLY A 155 -10.63 -14.91 -3.43
N GLY A 156 -10.06 -15.09 -4.62
CA GLY A 156 -10.87 -15.17 -5.83
C GLY A 156 -11.63 -16.47 -5.89
N HIS A 157 -10.95 -17.55 -5.50
CA HIS A 157 -11.60 -18.83 -5.23
C HIS A 157 -12.78 -18.61 -4.27
N GLY A 158 -12.55 -17.95 -3.14
CA GLY A 158 -13.59 -17.76 -2.16
C GLY A 158 -14.76 -16.98 -2.72
N ALA A 159 -14.47 -15.92 -3.45
CA ALA A 159 -15.51 -15.06 -3.97
C ALA A 159 -16.40 -15.85 -4.92
N LEU A 160 -15.78 -16.60 -5.82
CA LEU A 160 -16.55 -17.32 -6.83
C LEU A 160 -17.35 -18.45 -6.21
N VAL A 161 -16.76 -19.17 -5.27
CA VAL A 161 -17.47 -20.23 -4.59
C VAL A 161 -18.69 -19.70 -3.84
N LEU A 162 -18.49 -18.62 -3.10
CA LEU A 162 -19.61 -17.99 -2.37
C LEU A 162 -20.69 -17.46 -3.32
N ALA A 163 -20.30 -16.82 -4.39
CA ALA A 163 -21.29 -16.31 -5.33
C ALA A 163 -22.06 -17.43 -6.00
N LEU A 164 -21.36 -18.48 -6.43
CA LEU A 164 -22.03 -19.59 -7.12
C LEU A 164 -22.99 -20.31 -6.21
N ARG A 165 -22.58 -20.51 -4.97
CA ARG A 165 -23.40 -21.29 -4.05
C ARG A 165 -24.55 -20.51 -3.47
N ASN A 166 -24.47 -19.19 -3.48
CA ASN A 166 -25.45 -18.41 -2.76
C ASN A 166 -26.33 -17.47 -3.58
N GLN A 167 -26.13 -17.51 -4.87
CA GLN A 167 -27.05 -16.93 -5.82
C GLN A 167 -27.48 -15.51 -5.50
N GLU A 168 -28.72 -15.34 -5.08
CA GLU A 168 -29.28 -14.02 -4.80
C GLU A 168 -28.56 -13.23 -3.72
N ARG A 169 -27.70 -13.91 -2.97
CA ARG A 169 -26.97 -13.22 -1.91
CA ARG A 169 -26.94 -13.25 -1.92
C ARG A 169 -26.06 -12.11 -2.44
N TYR A 170 -25.53 -12.32 -3.63
CA TYR A 170 -24.50 -11.42 -4.21
C TYR A 170 -24.96 -10.86 -5.53
N GLN A 171 -24.86 -9.56 -5.70
CA GLN A 171 -25.28 -8.92 -6.94
C GLN A 171 -24.32 -9.16 -8.10
N SER A 172 -23.04 -9.32 -7.79
CA SER A 172 -22.01 -9.48 -8.79
C SER A 172 -20.75 -10.07 -8.13
N VAL A 173 -19.88 -10.63 -8.96
CA VAL A 173 -18.67 -11.27 -8.51
C VAL A 173 -17.55 -11.08 -9.53
N SER A 174 -16.34 -10.87 -9.03
CA SER A 174 -15.18 -10.77 -9.89
C SER A 174 -13.96 -11.30 -9.14
N ALA A 175 -12.84 -11.44 -9.84
CA ALA A 175 -11.64 -11.97 -9.21
C ALA A 175 -10.40 -11.59 -9.94
N PHE A 176 -9.32 -11.48 -9.18
CA PHE A 176 -7.96 -11.36 -9.69
C PHE A 176 -7.23 -12.66 -9.44
N SER A 177 -6.61 -13.21 -10.47
CA SER A 177 -5.72 -14.36 -10.31
C SER A 177 -6.35 -15.50 -9.50
N PRO A 178 -7.63 -15.84 -9.74
CA PRO A 178 -8.27 -16.84 -8.86
C PRO A 178 -7.74 -18.26 -9.01
N ILE A 179 -7.78 -19.01 -7.93
CA ILE A 179 -7.61 -20.45 -7.98
C ILE A 179 -8.95 -21.04 -8.38
N LEU A 180 -9.07 -21.46 -9.62
CA LEU A 180 -10.39 -21.78 -10.17
C LEU A 180 -10.78 -23.26 -10.04
N SER A 181 -9.79 -24.14 -9.98
CA SER A 181 -10.04 -25.58 -9.89
C SER A 181 -9.15 -26.12 -8.76
N PRO A 182 -9.43 -25.70 -7.54
CA PRO A 182 -8.55 -26.04 -6.43
C PRO A 182 -8.39 -27.54 -6.19
N SER A 183 -9.38 -28.34 -6.54
CA SER A 183 -9.30 -29.79 -6.37
C SER A 183 -8.19 -30.41 -7.21
N LEU A 184 -7.78 -29.70 -8.24
CA LEU A 184 -6.90 -30.24 -9.27
C LEU A 184 -5.49 -29.63 -9.24
N VAL A 185 -5.20 -28.78 -8.27
CA VAL A 185 -3.89 -28.17 -8.18
C VAL A 185 -3.33 -28.30 -6.78
N PRO A 186 -2.04 -28.17 -6.57
CA PRO A 186 -1.49 -28.51 -5.25
C PRO A 186 -1.97 -27.70 -4.05
N TRP A 187 -2.31 -26.45 -4.24
CA TRP A 187 -2.71 -25.62 -3.14
C TRP A 187 -4.00 -26.12 -2.59
N GLY A 188 -4.90 -26.51 -3.48
CA GLY A 188 -6.22 -26.97 -3.08
C GLY A 188 -6.24 -28.43 -2.68
N GLU A 189 -5.32 -29.23 -3.21
CA GLU A 189 -5.27 -30.62 -2.86
C GLU A 189 -4.79 -30.75 -1.43
N LYS A 190 -3.78 -29.98 -1.09
CA LYS A 190 -3.19 -30.03 0.22
C LYS A 190 -4.11 -29.49 1.29
N ALA A 191 -4.69 -28.33 1.05
CA ALA A 191 -5.56 -27.71 2.04
C ALA A 191 -6.86 -28.47 2.28
N PHE A 192 -7.54 -28.83 1.22
CA PHE A 192 -8.70 -29.69 1.26
C PHE A 192 -8.43 -31.01 1.97
N THR A 193 -7.31 -31.64 1.67
CA THR A 193 -7.00 -32.91 2.31
C THR A 193 -6.92 -32.70 3.82
N ALA A 194 -6.27 -31.63 4.22
CA ALA A 194 -6.11 -31.34 5.63
C ALA A 194 -7.41 -30.94 6.28
N TYR A 195 -8.13 -30.02 5.65
CA TYR A 195 -9.30 -29.44 6.27
C TYR A 195 -10.58 -30.27 6.11
N LEU A 196 -10.67 -31.00 5.00
CA LEU A 196 -11.89 -31.75 4.64
C LEU A 196 -11.70 -33.26 4.54
N GLY A 197 -10.46 -33.73 4.54
CA GLY A 197 -10.20 -35.15 4.45
C GLY A 197 -9.93 -35.63 3.04
N LYS A 198 -9.70 -36.94 2.91
CA LYS A 198 -9.26 -37.51 1.66
C LYS A 198 -10.38 -37.83 0.68
N ASP A 199 -11.62 -37.69 1.12
CA ASP A 199 -12.74 -37.93 0.22
C ASP A 199 -12.98 -36.70 -0.66
N ARG A 200 -12.48 -36.78 -1.88
CA ARG A 200 -12.50 -35.64 -2.78
C ARG A 200 -13.90 -35.21 -3.18
N GLU A 201 -14.89 -36.05 -2.91
CA GLU A 201 -16.25 -35.66 -3.20
C GLU A 201 -16.67 -34.51 -2.31
N LYS A 202 -16.11 -34.46 -1.12
CA LYS A 202 -16.41 -33.38 -0.16
C LYS A 202 -15.79 -32.06 -0.56
N TRP A 203 -14.84 -32.09 -1.47
CA TRP A 203 -14.21 -30.88 -1.95
C TRP A 203 -15.01 -30.13 -2.98
N GLN A 204 -15.95 -30.80 -3.62
CA GLN A 204 -16.59 -30.26 -4.80
C GLN A 204 -17.41 -29.02 -4.49
N GLN A 205 -17.95 -28.93 -3.28
CA GLN A 205 -18.75 -27.78 -2.91
C GLN A 205 -17.92 -26.52 -2.65
N TYR A 206 -16.61 -26.66 -2.70
CA TYR A 206 -15.70 -25.50 -2.50
C TYR A 206 -14.77 -25.32 -3.70
N ASP A 207 -15.26 -25.62 -4.89
CA ASP A 207 -14.41 -25.63 -6.07
C ASP A 207 -15.22 -24.99 -7.20
N ALA A 208 -14.82 -23.80 -7.64
CA ALA A 208 -15.65 -23.05 -8.59
C ALA A 208 -15.84 -23.83 -9.88
N ASN A 209 -14.77 -24.44 -10.38
CA ASN A 209 -14.84 -25.25 -11.58
C ASN A 209 -15.88 -26.36 -11.40
N SER A 210 -15.79 -27.08 -10.30
CA SER A 210 -16.72 -28.17 -10.05
C SER A 210 -18.15 -27.67 -9.92
N LEU A 211 -18.33 -26.57 -9.22
CA LEU A 211 -19.69 -26.02 -9.02
C LEU A 211 -20.34 -25.68 -10.35
N ILE A 212 -19.57 -25.13 -11.28
CA ILE A 212 -20.12 -24.83 -12.59
C ILE A 212 -20.46 -26.12 -13.34
N GLN A 213 -19.62 -27.13 -13.22
CA GLN A 213 -19.92 -28.45 -13.79
C GLN A 213 -21.22 -29.04 -13.22
N GLN A 214 -21.48 -28.77 -11.95
CA GLN A 214 -22.67 -29.28 -11.25
C GLN A 214 -23.93 -28.54 -11.64
N GLY A 215 -23.79 -27.40 -12.29
CA GLY A 215 -24.96 -26.65 -12.72
C GLY A 215 -25.17 -25.31 -12.05
N TYR A 216 -24.33 -24.96 -11.08
CA TYR A 216 -24.44 -23.64 -10.45
C TYR A 216 -24.02 -22.56 -11.45
N LYS A 217 -24.72 -21.44 -11.44
CA LYS A 217 -24.42 -20.34 -12.33
C LYS A 217 -24.52 -18.99 -11.63
N VAL A 218 -23.80 -18.02 -12.16
CA VAL A 218 -23.99 -16.61 -11.82
C VAL A 218 -24.35 -15.88 -13.10
N GLN A 219 -24.96 -14.70 -12.97
CA GLN A 219 -25.39 -13.95 -14.15
C GLN A 219 -24.19 -13.55 -14.99
N GLY A 220 -23.05 -13.37 -14.34
CA GLY A 220 -21.82 -13.00 -15.01
C GLY A 220 -20.68 -12.98 -14.02
N MET A 221 -19.46 -12.86 -14.54
CA MET A 221 -18.28 -12.72 -13.71
C MET A 221 -17.18 -12.09 -14.52
N ARG A 222 -16.31 -11.36 -13.84
CA ARG A 222 -15.13 -10.81 -14.48
C ARG A 222 -13.90 -11.34 -13.76
N ILE A 223 -12.99 -11.88 -14.55
CA ILE A 223 -11.72 -12.39 -14.06
C ILE A 223 -10.56 -11.70 -14.77
N ASP A 224 -9.58 -11.22 -14.01
CA ASP A 224 -8.36 -10.66 -14.58
C ASP A 224 -7.17 -11.48 -14.13
N GLN A 225 -6.33 -11.82 -15.09
CA GLN A 225 -5.21 -12.72 -14.85
C GLN A 225 -3.97 -12.18 -15.52
N GLY A 226 -2.88 -12.02 -14.77
CA GLY A 226 -1.61 -11.58 -15.35
C GLY A 226 -0.88 -12.73 -16.01
N LEU A 227 -0.26 -12.47 -17.16
CA LEU A 227 0.44 -13.52 -17.87
C LEU A 227 1.86 -13.80 -17.40
N GLU A 228 2.42 -12.93 -16.56
CA GLU A 228 3.72 -13.18 -15.93
C GLU A 228 3.55 -13.65 -14.49
N ASP A 229 2.37 -14.16 -14.19
CA ASP A 229 2.06 -14.72 -12.89
C ASP A 229 2.67 -16.11 -12.77
N GLU A 230 3.60 -16.28 -11.83
CA GLU A 230 4.33 -17.54 -11.72
C GLU A 230 3.42 -18.72 -11.37
N PHE A 231 2.24 -18.44 -10.83
CA PHE A 231 1.33 -19.51 -10.42
C PHE A 231 0.31 -19.88 -11.49
N LEU A 232 0.30 -19.16 -12.59
CA LEU A 232 -0.69 -19.44 -13.64
C LEU A 232 -0.64 -20.90 -14.10
N PRO A 233 0.53 -21.40 -14.51
CA PRO A 233 0.52 -22.79 -15.01
C PRO A 233 0.34 -23.87 -13.93
N THR A 234 0.64 -23.53 -12.68
CA THR A 234 0.69 -24.53 -11.61
C THR A 234 -0.54 -24.57 -10.71
N GLN A 235 -1.13 -23.40 -10.42
CA GLN A 235 -2.22 -23.30 -9.46
C GLN A 235 -3.52 -22.72 -9.98
N LEU A 236 -3.45 -21.93 -11.04
CA LEU A 236 -4.59 -21.12 -11.45
C LEU A 236 -5.29 -21.70 -12.67
N ARG A 237 -4.53 -21.94 -13.74
CA ARG A 237 -5.01 -22.70 -14.91
C ARG A 237 -6.37 -22.19 -15.38
N THR A 238 -6.37 -20.91 -15.69
CA THR A 238 -7.56 -20.20 -16.07
C THR A 238 -8.20 -20.79 -17.32
N GLU A 239 -7.38 -21.29 -18.24
CA GLU A 239 -7.89 -21.81 -19.51
C GLU A 239 -8.82 -23.00 -19.29
N ASP A 240 -8.48 -23.85 -18.33
CA ASP A 240 -9.30 -25.01 -18.02
C ASP A 240 -10.67 -24.57 -17.53
N PHE A 241 -10.70 -23.52 -16.69
CA PHE A 241 -11.96 -22.98 -16.18
C PHE A 241 -12.81 -22.38 -17.30
N ILE A 242 -12.17 -21.70 -18.23
CA ILE A 242 -12.91 -21.17 -19.37
C ILE A 242 -13.62 -22.31 -20.09
N GLU A 243 -12.94 -23.44 -20.31
CA GLU A 243 -13.56 -24.53 -21.02
C GLU A 243 -14.78 -25.06 -20.26
N THR A 244 -14.68 -25.14 -18.95
CA THR A 244 -15.81 -25.56 -18.12
C THR A 244 -16.99 -24.60 -18.26
N CYS A 245 -16.71 -23.30 -18.22
CA CYS A 245 -17.77 -22.32 -18.37
C CYS A 245 -18.44 -22.45 -19.74
N ARG A 246 -17.64 -22.62 -20.78
CA ARG A 246 -18.20 -22.71 -22.11
C ARG A 246 -19.11 -23.92 -22.23
N ALA A 247 -18.68 -25.04 -21.69
CA ALA A 247 -19.47 -26.25 -21.75
C ALA A 247 -20.77 -26.13 -20.99
N ALA A 248 -20.77 -25.32 -19.93
CA ALA A 248 -21.93 -25.12 -19.07
C ALA A 248 -22.79 -23.95 -19.52
N ASN A 249 -22.35 -23.22 -20.53
CA ASN A 249 -23.04 -22.00 -20.95
C ASN A 249 -23.11 -20.98 -19.81
N GLN A 250 -22.06 -20.94 -19.00
CA GLN A 250 -21.87 -19.89 -18.00
C GLN A 250 -21.07 -18.75 -18.63
N PRO A 251 -21.68 -17.56 -18.79
CA PRO A 251 -20.94 -16.45 -19.39
C PRO A 251 -19.75 -16.06 -18.55
N VAL A 252 -18.66 -15.69 -19.18
CA VAL A 252 -17.47 -15.28 -18.46
C VAL A 252 -16.70 -14.24 -19.25
N ASP A 253 -16.33 -13.16 -18.54
CA ASP A 253 -15.46 -12.10 -19.01
C ASP A 253 -14.11 -12.38 -18.38
N VAL A 254 -13.11 -12.69 -19.20
CA VAL A 254 -11.80 -13.05 -18.70
C VAL A 254 -10.77 -12.27 -19.48
N ARG A 255 -9.89 -11.60 -18.75
CA ARG A 255 -8.91 -10.72 -19.33
C ARG A 255 -7.53 -11.17 -18.93
N PHE A 256 -6.68 -11.39 -19.93
CA PHE A 256 -5.31 -11.80 -19.73
C PHE A 256 -4.44 -10.60 -20.01
N HIS A 257 -3.55 -10.28 -19.07
CA HIS A 257 -2.77 -9.04 -19.15
C HIS A 257 -1.29 -9.33 -19.32
N LYS A 258 -0.77 -9.05 -20.49
CA LYS A 258 0.64 -9.23 -20.77
C LYS A 258 1.47 -8.43 -19.78
N GLY A 259 2.52 -9.05 -19.26
CA GLY A 259 3.52 -8.36 -18.47
C GLY A 259 3.19 -8.23 -17.00
N TYR A 260 1.95 -8.52 -16.61
CA TYR A 260 1.52 -8.37 -15.22
C TYR A 260 1.66 -9.66 -14.44
N ASP A 261 1.99 -9.55 -13.16
CA ASP A 261 2.26 -10.72 -12.34
C ASP A 261 1.12 -10.99 -11.35
N HIS A 262 1.42 -11.67 -10.24
CA HIS A 262 0.46 -12.07 -9.23
C HIS A 262 0.29 -11.04 -8.12
N SER A 263 1.10 -9.98 -8.15
CA SER A 263 1.25 -9.09 -7.00
C SER A 263 0.19 -8.00 -6.92
N TYR A 264 0.22 -7.28 -5.80
CA TYR A 264 -0.63 -6.10 -5.66
C TYR A 264 -0.31 -4.98 -6.66
N TYR A 265 0.82 -5.05 -7.33
CA TYR A 265 1.10 -4.11 -8.39
C TYR A 265 0.15 -4.35 -9.57
N PHE A 266 -0.14 -5.62 -9.83
CA PHE A 266 -1.16 -5.98 -10.81
C PHE A 266 -2.56 -5.59 -10.32
N ILE A 267 -2.90 -5.99 -9.10
CA ILE A 267 -4.22 -5.69 -8.57
C ILE A 267 -4.49 -4.17 -8.62
N ALA A 268 -3.53 -3.37 -8.18
CA ALA A 268 -3.71 -1.92 -8.15
C ALA A 268 -4.02 -1.38 -9.52
N SER A 269 -3.48 -2.02 -10.53
CA SER A 269 -3.61 -1.55 -11.90
C SER A 269 -5.01 -1.68 -12.47
N PHE A 270 -5.82 -2.57 -11.91
CA PHE A 270 -7.17 -2.77 -12.43
C PHE A 270 -8.27 -2.77 -11.37
N ILE A 271 -7.92 -2.54 -10.12
CA ILE A 271 -8.93 -2.59 -9.05
C ILE A 271 -10.03 -1.55 -9.28
N GLY A 272 -9.69 -0.41 -9.85
CA GLY A 272 -10.68 0.61 -10.13
C GLY A 272 -11.75 0.13 -11.09
N GLU A 273 -11.35 -0.67 -12.06
CA GLU A 273 -12.30 -1.23 -13.01
C GLU A 273 -13.24 -2.21 -12.31
N HIS A 274 -12.71 -2.95 -11.35
CA HIS A 274 -13.57 -3.85 -10.57
C HIS A 274 -14.53 -3.10 -9.66
N ILE A 275 -14.05 -2.05 -9.02
CA ILE A 275 -14.94 -1.25 -8.18
C ILE A 275 -16.07 -0.68 -9.03
N ALA A 276 -15.75 -0.18 -10.21
CA ALA A 276 -16.77 0.36 -11.09
C ALA A 276 -17.75 -0.71 -11.55
N TYR A 277 -17.23 -1.90 -11.84
CA TYR A 277 -18.04 -3.03 -12.26
C TYR A 277 -19.10 -3.35 -11.21
N HIS A 278 -18.67 -3.52 -9.97
CA HIS A 278 -19.62 -3.85 -8.93
C HIS A 278 -20.55 -2.72 -8.56
N ALA A 279 -20.05 -1.51 -8.60
CA ALA A 279 -20.85 -0.36 -8.20
C ALA A 279 -22.14 -0.29 -8.99
N ALA A 280 -22.08 -0.67 -10.25
CA ALA A 280 -23.26 -0.56 -11.12
C ALA A 280 -24.36 -1.50 -10.67
N PHE A 281 -23.98 -2.58 -10.00
CA PHE A 281 -24.94 -3.56 -9.51
C PHE A 281 -25.42 -3.25 -8.11
N LEU A 282 -24.88 -2.22 -7.49
CA LEU A 282 -25.13 -1.96 -6.08
C LEU A 282 -25.88 -0.68 -5.79
N LYS A 283 -26.48 -0.08 -6.80
CA LYS A 283 -27.18 1.17 -6.59
C LYS A 283 -28.54 0.98 -5.92
N MET B 9 24.94 -2.25 -11.27
CA MET B 9 23.57 -2.31 -10.78
C MET B 9 23.00 -3.70 -10.95
N GLU B 10 22.26 -4.18 -9.97
CA GLU B 10 21.65 -5.49 -9.98
C GLU B 10 20.14 -5.31 -9.81
N LEU B 11 19.35 -5.90 -10.67
CA LEU B 11 17.91 -5.80 -10.55
C LEU B 11 17.40 -6.79 -9.52
N ILE B 12 16.78 -6.26 -8.47
CA ILE B 12 16.20 -7.03 -7.41
C ILE B 12 14.72 -7.38 -7.62
N GLU B 13 13.92 -6.44 -8.08
CA GLU B 13 12.53 -6.76 -8.43
C GLU B 13 12.03 -5.86 -9.54
N GLN B 14 10.99 -6.33 -10.23
CA GLN B 14 10.37 -5.62 -11.32
C GLN B 14 8.91 -6.08 -11.40
N HIS B 15 8.00 -5.12 -11.52
CA HIS B 15 6.58 -5.37 -11.53
C HIS B 15 5.94 -4.32 -12.37
N GLN B 16 5.10 -4.72 -13.31
CA GLN B 16 4.31 -3.77 -14.08
C GLN B 16 3.19 -3.20 -13.22
N ILE B 17 2.98 -1.89 -13.33
CA ILE B 17 1.89 -1.24 -12.64
C ILE B 17 1.52 0.01 -13.42
N PHE B 18 0.23 0.13 -13.70
CA PHE B 18 -0.30 1.23 -14.50
C PHE B 18 0.48 1.43 -15.79
N GLY B 19 0.86 0.33 -16.42
CA GLY B 19 1.47 0.37 -17.73
C GLY B 19 2.97 0.65 -17.73
N GLY B 20 3.51 0.97 -16.57
CA GLY B 20 4.92 1.25 -16.42
C GLY B 20 5.57 0.19 -15.58
N SER B 21 6.87 0.35 -15.34
CA SER B 21 7.67 -0.65 -14.65
C SER B 21 8.16 -0.10 -13.34
N GLN B 22 7.72 -0.68 -12.25
CA GLN B 22 8.30 -0.44 -10.93
C GLN B 22 9.48 -1.37 -10.66
N GLN B 23 10.67 -0.80 -10.56
CA GLN B 23 11.85 -1.58 -10.29
C GLN B 23 12.48 -1.21 -8.96
N VAL B 24 13.25 -2.15 -8.45
CA VAL B 24 14.13 -1.93 -7.33
C VAL B 24 15.48 -2.47 -7.76
N TRP B 25 16.52 -1.66 -7.69
CA TRP B 25 17.90 -2.03 -7.93
C TRP B 25 18.81 -1.92 -6.73
N ALA B 26 19.94 -2.60 -6.77
CA ALA B 26 20.93 -2.57 -5.72
C ALA B 26 22.21 -2.08 -6.36
N HIS B 27 22.99 -1.33 -5.62
CA HIS B 27 24.26 -0.88 -6.12
C HIS B 27 25.20 -0.62 -4.99
N HIS B 28 26.49 -0.47 -5.31
CA HIS B 28 27.44 -0.05 -4.30
C HIS B 28 27.47 1.46 -4.22
N ALA B 29 27.21 1.98 -3.02
CA ALA B 29 27.23 3.42 -2.79
C ALA B 29 28.59 3.86 -2.28
N GLN B 30 29.34 4.53 -3.15
CA GLN B 30 30.68 5.03 -2.81
C GLN B 30 30.63 6.00 -1.64
N THR B 31 29.59 6.82 -1.60
CA THR B 31 29.52 7.88 -0.58
C THR B 31 29.18 7.32 0.80
N LEU B 32 28.54 6.16 0.83
CA LEU B 32 28.07 5.55 2.06
C LEU B 32 28.90 4.35 2.47
N GLN B 33 29.80 3.92 1.59
CA GLN B 33 30.61 2.73 1.80
C GLN B 33 29.73 1.54 2.21
N CYS B 34 28.70 1.29 1.41
CA CYS B 34 27.80 0.18 1.65
C CYS B 34 26.97 -0.10 0.41
N GLU B 35 26.25 -1.22 0.43
CA GLU B 35 25.34 -1.54 -0.66
C GLU B 35 24.01 -0.89 -0.37
N MET B 36 23.34 -0.41 -1.41
CA MET B 36 22.06 0.24 -1.26
C MET B 36 21.05 -0.30 -2.26
N LYS B 37 19.79 -0.20 -1.88
CA LYS B 37 18.68 -0.42 -2.79
C LYS B 37 17.93 0.87 -2.99
N PHE B 38 17.42 1.10 -4.20
CA PHE B 38 16.53 2.20 -4.49
C PHE B 38 15.46 1.70 -5.44
N ALA B 39 14.32 2.33 -5.43
CA ALA B 39 13.24 2.03 -6.34
C ALA B 39 13.17 3.10 -7.42
N VAL B 40 12.81 2.67 -8.63
CA VAL B 40 12.56 3.59 -9.74
C VAL B 40 11.35 3.12 -10.51
N TYR B 41 10.45 4.05 -10.79
CA TYR B 41 9.28 3.79 -11.63
C TYR B 41 9.47 4.46 -12.97
N LEU B 42 9.40 3.66 -14.03
CA LEU B 42 9.54 4.12 -15.40
C LEU B 42 8.19 4.05 -16.09
N PRO B 43 7.57 5.20 -16.35
CA PRO B 43 6.29 5.16 -17.08
C PRO B 43 6.46 4.55 -18.46
N ASN B 44 5.39 3.99 -19.01
CA ASN B 44 5.40 3.53 -20.39
C ASN B 44 5.95 4.61 -21.30
N ASN B 45 7.01 4.29 -22.03
CA ASN B 45 7.77 5.28 -22.78
C ASN B 45 8.55 4.55 -23.85
N PRO B 46 7.85 3.94 -24.81
CA PRO B 46 8.49 3.05 -25.79
C PRO B 46 9.60 3.70 -26.59
N GLU B 47 9.48 5.00 -26.79
CA GLU B 47 10.49 5.75 -27.52
C GLU B 47 11.63 6.27 -26.65
N ASN B 48 11.58 5.98 -25.38
CA ASN B 48 12.58 6.44 -24.43
C ASN B 48 12.82 7.94 -24.54
N ARG B 49 11.75 8.70 -24.58
CA ARG B 49 11.84 10.13 -24.48
C ARG B 49 12.44 10.48 -23.13
N PRO B 50 13.28 11.51 -23.08
CA PRO B 50 13.86 11.96 -21.82
C PRO B 50 12.80 12.57 -20.92
N LEU B 51 12.69 12.05 -19.71
CA LEU B 51 11.70 12.48 -18.76
C LEU B 51 12.37 13.07 -17.54
N GLY B 52 11.67 13.99 -16.89
CA GLY B 52 12.15 14.52 -15.62
C GLY B 52 12.04 13.49 -14.53
N VAL B 53 12.79 13.70 -13.48
CA VAL B 53 12.82 12.80 -12.34
C VAL B 53 12.35 13.51 -11.07
N ILE B 54 11.45 12.87 -10.35
CA ILE B 54 11.13 13.28 -8.98
C ILE B 54 11.75 12.30 -8.02
N TYR B 55 12.53 12.81 -7.06
CA TYR B 55 13.05 12.03 -5.95
C TYR B 55 12.09 12.13 -4.80
N TRP B 56 11.64 10.99 -4.31
CA TRP B 56 10.81 10.92 -3.11
C TRP B 56 11.63 10.38 -1.95
N LEU B 57 11.76 11.17 -0.88
CA LEU B 57 12.52 10.78 0.30
C LEU B 57 11.55 10.32 1.40
N SER B 58 11.82 9.15 1.95
CA SER B 58 10.93 8.58 2.95
C SER B 58 11.40 8.90 4.36
N GLY B 59 10.52 8.65 5.32
CA GLY B 59 10.75 8.99 6.71
C GLY B 59 11.28 7.87 7.57
N LEU B 60 11.32 8.15 8.86
CA LEU B 60 11.81 7.20 9.86
C LEU B 60 11.15 5.85 9.69
N THR B 61 11.97 4.81 9.84
CA THR B 61 11.56 3.39 9.82
C THR B 61 11.27 2.84 8.44
N CYS B 62 11.28 3.69 7.43
CA CYS B 62 10.97 3.24 6.08
C CYS B 62 12.18 2.68 5.36
N THR B 63 11.89 1.82 4.38
CA THR B 63 12.84 1.48 3.35
C THR B 63 12.33 2.05 2.02
N GLU B 64 12.83 1.54 0.90
CA GLU B 64 12.31 1.97 -0.38
C GLU B 64 10.90 1.40 -0.64
N GLN B 65 10.50 0.40 0.15
CA GLN B 65 9.23 -0.27 -0.09
C GLN B 65 7.96 0.50 0.29
N ASN B 66 8.02 1.30 1.34
CA ASN B 66 6.80 1.88 1.90
C ASN B 66 6.08 2.73 0.85
N PHE B 67 6.80 3.66 0.23
CA PHE B 67 6.21 4.56 -0.74
C PHE B 67 5.74 3.82 -2.00
N ILE B 68 6.56 2.92 -2.54
CA ILE B 68 6.20 2.29 -3.80
C ILE B 68 5.01 1.35 -3.63
N THR B 69 4.81 0.79 -2.44
CA THR B 69 3.69 -0.12 -2.23
C THR B 69 2.44 0.59 -1.72
N LYS B 70 2.59 1.67 -0.95
CA LYS B 70 1.46 2.24 -0.23
C LYS B 70 0.97 3.60 -0.73
N SER B 71 1.74 4.32 -1.53
CA SER B 71 1.35 5.67 -1.87
C SER B 71 0.35 5.73 -3.00
N GLY B 72 0.29 4.71 -3.84
CA GLY B 72 -0.54 4.77 -5.03
C GLY B 72 -0.07 5.81 -6.04
N PHE B 73 1.22 6.12 -6.06
CA PHE B 73 1.70 7.21 -6.90
C PHE B 73 1.78 6.86 -8.37
N GLN B 74 1.94 5.58 -8.68
CA GLN B 74 2.30 5.18 -10.04
C GLN B 74 1.24 5.59 -11.04
N ARG B 75 -0.02 5.48 -10.66
CA ARG B 75 -1.08 5.90 -11.58
C ARG B 75 -0.89 7.34 -12.05
N TYR B 76 -0.42 8.20 -11.16
CA TYR B 76 -0.21 9.60 -11.49
C TYR B 76 1.09 9.81 -12.27
N ALA B 77 2.16 9.12 -11.89
CA ALA B 77 3.38 9.22 -12.66
C ALA B 77 3.17 8.74 -14.09
N ALA B 78 2.31 7.75 -14.28
CA ALA B 78 1.97 7.28 -15.63
C ALA B 78 1.26 8.36 -16.43
N GLU B 79 0.36 9.09 -15.78
CA GLU B 79 -0.37 10.15 -16.46
C GLU B 79 0.51 11.33 -16.83
N HIS B 80 1.50 11.61 -15.99
CA HIS B 80 2.34 12.79 -16.13
C HIS B 80 3.70 12.51 -16.78
N GLN B 81 4.00 11.24 -17.05
CA GLN B 81 5.26 10.88 -17.69
C GLN B 81 6.45 11.47 -16.96
N VAL B 82 6.53 11.13 -15.69
CA VAL B 82 7.70 11.47 -14.87
C VAL B 82 8.26 10.18 -14.26
N ILE B 83 9.57 10.09 -14.24
CA ILE B 83 10.27 9.05 -13.52
C ILE B 83 10.29 9.41 -12.04
N VAL B 84 10.03 8.43 -11.20
CA VAL B 84 10.06 8.67 -9.75
C VAL B 84 11.02 7.70 -9.11
N VAL B 85 11.96 8.24 -8.34
CA VAL B 85 12.99 7.46 -7.66
C VAL B 85 12.74 7.57 -6.17
N ALA B 86 12.68 6.43 -5.50
CA ALA B 86 12.48 6.37 -4.06
C ALA B 86 13.69 5.68 -3.46
N PRO B 87 14.64 6.47 -2.96
CA PRO B 87 15.82 5.88 -2.30
C PRO B 87 15.49 5.32 -0.92
N ASP B 88 16.46 4.59 -0.38
CA ASP B 88 16.37 4.15 1.00
C ASP B 88 16.68 5.33 1.92
N THR B 89 16.61 5.09 3.23
CA THR B 89 16.61 6.16 4.22
C THR B 89 17.87 6.20 5.09
N SER B 90 18.77 5.24 4.89
CA SER B 90 20.01 5.18 5.64
C SER B 90 20.94 4.21 4.91
N PRO B 91 22.24 4.25 5.24
CA PRO B 91 23.12 3.14 4.86
C PRO B 91 22.61 1.85 5.49
N ARG B 92 23.05 0.72 4.94
CA ARG B 92 22.57 -0.59 5.35
C ARG B 92 23.73 -1.56 5.31
N GLY B 93 23.70 -2.54 6.21
CA GLY B 93 24.67 -3.61 6.21
C GLY B 93 25.02 -4.02 7.62
N GLU B 94 25.49 -5.26 7.76
CA GLU B 94 25.87 -5.75 9.07
C GLU B 94 27.04 -4.93 9.61
N GLN B 95 27.83 -4.36 8.70
CA GLN B 95 29.00 -3.58 9.07
C GLN B 95 28.67 -2.14 9.44
N VAL B 96 27.43 -1.73 9.18
CA VAL B 96 27.03 -0.35 9.38
C VAL B 96 26.48 -0.18 10.79
N PRO B 97 26.96 0.80 11.54
CA PRO B 97 26.49 0.94 12.91
C PRO B 97 25.00 1.24 12.97
N ASN B 98 24.38 0.89 14.09
CA ASN B 98 22.95 1.02 14.27
C ASN B 98 22.67 1.41 15.70
N ASP B 99 21.44 1.80 15.96
CA ASP B 99 20.96 2.01 17.31
C ASP B 99 19.57 1.41 17.35
N ASP B 100 19.27 0.66 18.40
CA ASP B 100 17.99 -0.04 18.47
C ASP B 100 16.77 0.85 18.39
N ALA B 101 16.91 2.11 18.77
CA ALA B 101 15.79 3.03 18.74
C ALA B 101 15.34 3.29 17.30
N TYR B 102 14.04 3.49 17.11
CA TYR B 102 13.50 3.72 15.77
C TYR B 102 13.93 5.05 15.16
N ASP B 103 14.37 5.99 16.00
CA ASP B 103 14.65 7.34 15.57
C ASP B 103 16.15 7.63 15.44
N LEU B 104 16.97 6.59 15.45
CA LEU B 104 18.41 6.76 15.29
C LEU B 104 19.01 5.52 14.65
N GLY B 105 19.99 5.73 13.77
CA GLY B 105 20.66 4.62 13.12
C GLY B 105 19.96 4.22 11.84
N GLN B 106 19.80 2.92 11.64
CA GLN B 106 19.27 2.49 10.36
C GLN B 106 17.81 2.85 10.25
N SER B 107 17.43 3.17 9.00
CA SER B 107 16.17 3.80 8.66
C SER B 107 15.98 5.17 9.28
N ALA B 108 17.08 5.82 9.67
CA ALA B 108 17.00 7.11 10.34
C ALA B 108 18.22 7.98 10.03
N GLY B 109 18.57 8.07 8.75
CA GLY B 109 19.77 8.78 8.35
C GLY B 109 19.72 10.31 8.39
N PHE B 110 18.52 10.84 8.45
CA PHE B 110 18.25 12.30 8.51
C PHE B 110 18.87 13.13 7.38
N TYR B 111 19.21 12.49 6.28
CA TYR B 111 19.61 13.20 5.05
C TYR B 111 20.67 14.25 5.34
N LEU B 112 21.65 13.87 6.15
CA LEU B 112 22.76 14.74 6.50
C LEU B 112 24.09 14.02 6.28
N ASN B 113 25.20 14.74 6.41
CA ASN B 113 26.52 14.13 6.39
C ASN B 113 27.06 14.07 7.80
N ALA B 114 27.11 12.89 8.38
CA ALA B 114 27.54 12.75 9.76
C ALA B 114 29.04 13.00 9.88
N THR B 115 29.42 13.62 10.99
CA THR B 115 30.83 13.88 11.27
C THR B 115 31.35 13.09 12.48
N GLU B 116 30.45 12.62 13.33
CA GLU B 116 30.86 11.97 14.57
C GLU B 116 30.90 10.45 14.47
N GLN B 117 31.74 9.83 15.29
CA GLN B 117 31.87 8.39 15.34
C GLN B 117 30.73 7.74 16.08
N PRO B 118 30.28 6.56 15.65
CA PRO B 118 30.85 5.81 14.55
C PRO B 118 30.11 6.06 13.25
N TRP B 119 29.27 7.08 13.25
CA TRP B 119 28.39 7.36 12.15
C TRP B 119 29.04 7.91 10.91
N ALA B 120 30.19 8.54 11.08
CA ALA B 120 30.83 9.22 9.97
C ALA B 120 31.16 8.32 8.78
N ALA B 121 31.54 7.08 9.05
CA ALA B 121 31.95 6.18 7.98
C ALA B 121 30.89 5.99 6.91
N ASN B 122 29.65 5.85 7.32
CA ASN B 122 28.58 5.44 6.40
C ASN B 122 27.42 6.41 6.27
N TYR B 123 27.20 7.26 7.27
CA TYR B 123 26.00 8.10 7.30
C TYR B 123 26.20 9.43 6.55
N GLN B 124 26.30 9.31 5.22
CA GLN B 124 26.50 10.44 4.33
C GLN B 124 25.32 10.55 3.37
N MET B 125 24.11 10.41 3.91
CA MET B 125 22.90 10.42 3.09
C MET B 125 22.72 11.71 2.30
N TYR B 126 23.16 12.83 2.82
CA TYR B 126 23.07 14.10 2.09
C TYR B 126 23.86 14.02 0.80
N ASP B 127 25.12 13.63 0.85
CA ASP B 127 25.92 13.49 -0.36
C ASP B 127 25.37 12.40 -1.29
N TYR B 128 24.87 11.31 -0.73
CA TYR B 128 24.33 10.23 -1.53
C TYR B 128 23.14 10.72 -2.35
N ILE B 129 22.22 11.40 -1.70
CA ILE B 129 21.02 11.84 -2.38
C ILE B 129 21.29 13.01 -3.34
N LEU B 130 22.20 13.89 -2.97
CA LEU B 130 22.44 15.09 -3.75
C LEU B 130 23.27 14.76 -4.98
N ASN B 131 24.30 13.96 -4.79
CA ASN B 131 25.28 13.72 -5.83
C ASN B 131 25.29 12.34 -6.43
N GLU B 132 25.57 11.33 -5.62
CA GLU B 132 25.83 10.01 -6.15
C GLU B 132 24.64 9.38 -6.82
N LEU B 133 23.51 9.32 -6.13
CA LEU B 133 22.34 8.62 -6.71
C LEU B 133 21.85 9.27 -8.00
N PRO B 134 21.73 10.58 -8.05
CA PRO B 134 21.25 11.19 -9.29
C PRO B 134 22.17 10.92 -10.46
N ARG B 135 23.47 10.88 -10.20
CA ARG B 135 24.41 10.57 -11.26
C ARG B 135 24.09 9.20 -11.83
N LEU B 136 23.87 8.24 -10.95
CA LEU B 136 23.56 6.88 -11.35
C LEU B 136 22.25 6.80 -12.12
N ILE B 137 21.25 7.48 -11.61
CA ILE B 137 19.95 7.47 -12.25
C ILE B 137 20.07 8.00 -13.68
N GLU B 138 20.79 9.08 -13.85
CA GLU B 138 20.88 9.72 -15.15
C GLU B 138 21.68 8.89 -16.13
N LYS B 139 22.57 8.06 -15.63
CA LYS B 139 23.34 7.19 -16.50
C LYS B 139 22.53 6.04 -17.06
N HIS B 140 21.61 5.51 -16.26
CA HIS B 140 20.96 4.29 -16.61
C HIS B 140 19.55 4.41 -17.10
N PHE B 141 18.91 5.54 -16.87
CA PHE B 141 17.50 5.70 -17.20
C PHE B 141 17.32 6.91 -18.10
N PRO B 142 16.22 6.96 -18.85
CA PRO B 142 16.07 8.00 -19.85
C PRO B 142 15.56 9.29 -19.26
N THR B 143 16.45 10.12 -18.74
CA THR B 143 16.04 11.37 -18.13
C THR B 143 16.44 12.56 -18.96
N ASN B 144 15.84 13.69 -18.65
CA ASN B 144 16.12 14.93 -19.34
C ASN B 144 17.06 15.84 -18.55
N GLY B 145 17.69 15.27 -17.53
CA GLY B 145 18.67 16.03 -16.74
C GLY B 145 18.06 16.99 -15.76
N LYS B 146 16.74 16.97 -15.62
CA LYS B 146 16.03 17.85 -14.72
C LYS B 146 15.45 17.00 -13.59
N ARG B 147 15.38 17.58 -12.41
CA ARG B 147 14.89 16.85 -11.26
C ARG B 147 14.18 17.75 -10.27
N SER B 148 13.27 17.15 -9.53
CA SER B 148 12.58 17.78 -8.41
C SER B 148 12.62 16.84 -7.23
N ILE B 149 12.20 17.31 -6.06
CA ILE B 149 12.35 16.51 -4.86
C ILE B 149 11.22 16.77 -3.88
N MET B 150 10.82 15.71 -3.20
CA MET B 150 9.77 15.77 -2.20
C MET B 150 9.96 14.64 -1.23
N GLY B 151 9.17 14.63 -0.17
CA GLY B 151 9.29 13.55 0.78
C GLY B 151 8.35 13.73 1.94
N HIS B 152 8.39 12.76 2.85
CA HIS B 152 7.54 12.72 4.02
C HIS B 152 8.32 12.73 5.33
N SER B 153 8.00 13.66 6.23
CA SER B 153 8.52 13.67 7.62
C SER B 153 10.02 13.91 7.69
N MET B 154 10.81 12.94 8.14
CA MET B 154 12.27 13.04 7.97
C MET B 154 12.63 13.27 6.50
N GLY B 155 11.83 12.70 5.61
CA GLY B 155 12.04 12.88 4.19
C GLY B 155 11.61 14.24 3.66
N GLY B 156 10.65 14.85 4.34
CA GLY B 156 10.22 16.19 3.99
C GLY B 156 11.26 17.20 4.41
N HIS B 157 11.79 16.99 5.60
CA HIS B 157 12.99 17.70 6.09
C HIS B 157 14.09 17.57 5.05
N GLY B 158 14.35 16.34 4.61
CA GLY B 158 15.42 16.12 3.66
C GLY B 158 15.22 16.85 2.35
N ALA B 159 14.02 16.77 1.80
CA ALA B 159 13.73 17.40 0.52
C ALA B 159 13.93 18.91 0.59
N LEU B 160 13.40 19.52 1.64
CA LEU B 160 13.48 20.96 1.77
C LEU B 160 14.91 21.42 2.02
N VAL B 161 15.64 20.70 2.83
CA VAL B 161 17.03 21.05 3.09
C VAL B 161 17.85 20.95 1.81
N LEU B 162 17.70 19.87 1.08
CA LEU B 162 18.40 19.72 -0.18
C LEU B 162 18.03 20.79 -1.19
N ALA B 163 16.75 21.12 -1.29
CA ALA B 163 16.35 22.13 -2.25
C ALA B 163 16.86 23.52 -1.87
N LEU B 164 16.82 23.85 -0.59
CA LEU B 164 17.25 25.17 -0.12
C LEU B 164 18.76 25.36 -0.24
N ARG B 165 19.52 24.32 0.02
CA ARG B 165 20.96 24.39 0.05
C ARG B 165 21.50 24.32 -1.38
N ASN B 166 20.69 23.84 -2.32
CA ASN B 166 21.13 23.63 -3.68
C ASN B 166 20.07 24.06 -4.66
N GLN B 167 19.84 25.36 -4.70
CA GLN B 167 18.69 25.90 -5.37
C GLN B 167 18.60 25.50 -6.84
N GLU B 168 19.71 25.61 -7.55
CA GLU B 168 19.74 25.33 -8.98
C GLU B 168 19.58 23.85 -9.36
N ARG B 169 19.77 22.95 -8.41
CA ARG B 169 19.71 21.53 -8.69
C ARG B 169 18.28 21.01 -8.84
N TYR B 170 17.32 21.66 -8.22
CA TYR B 170 15.96 21.17 -8.19
C TYR B 170 14.96 22.15 -8.77
N GLN B 171 14.12 21.68 -9.68
CA GLN B 171 13.17 22.57 -10.34
C GLN B 171 12.04 22.98 -9.42
N SER B 172 11.74 22.11 -8.45
CA SER B 172 10.63 22.32 -7.53
C SER B 172 10.79 21.39 -6.34
N VAL B 173 10.10 21.72 -5.25
CA VAL B 173 10.19 20.97 -4.02
C VAL B 173 8.85 20.99 -3.30
N SER B 174 8.51 19.86 -2.69
CA SER B 174 7.30 19.78 -1.89
C SER B 174 7.49 18.79 -0.76
N ALA B 175 6.56 18.74 0.16
CA ALA B 175 6.68 17.85 1.28
C ALA B 175 5.36 17.50 1.92
N PHE B 176 5.30 16.32 2.53
CA PHE B 176 4.20 15.90 3.36
C PHE B 176 4.71 15.83 4.79
N SER B 177 4.05 16.47 5.74
CA SER B 177 4.36 16.31 7.16
C SER B 177 5.81 16.52 7.50
N PRO B 178 6.45 17.53 6.93
CA PRO B 178 7.89 17.66 7.18
C PRO B 178 8.26 18.07 8.61
N ILE B 179 9.41 17.60 9.05
CA ILE B 179 10.05 18.10 10.25
C ILE B 179 10.74 19.41 9.87
N LEU B 180 10.14 20.53 10.21
CA LEU B 180 10.59 21.82 9.65
C LEU B 180 11.62 22.54 10.50
N SER B 181 11.64 22.24 11.79
CA SER B 181 12.56 22.86 12.74
C SER B 181 13.24 21.76 13.56
N PRO B 182 14.05 20.94 12.92
CA PRO B 182 14.59 19.77 13.61
C PRO B 182 15.45 20.09 14.82
N SER B 183 16.10 21.24 14.81
CA SER B 183 16.95 21.64 15.94
C SER B 183 16.17 21.83 17.22
N LEU B 184 14.86 21.97 17.11
CA LEU B 184 14.01 22.34 18.25
C LEU B 184 13.01 21.26 18.68
N VAL B 185 13.14 20.08 18.10
CA VAL B 185 12.24 18.99 18.45
C VAL B 185 13.02 17.73 18.75
N PRO B 186 12.44 16.77 19.46
CA PRO B 186 13.25 15.63 19.91
C PRO B 186 13.89 14.77 18.82
N TRP B 187 13.23 14.61 17.69
CA TRP B 187 13.76 13.75 16.66
C TRP B 187 15.00 14.35 16.10
N GLY B 188 14.97 15.66 15.92
CA GLY B 188 16.11 16.34 15.35
C GLY B 188 17.24 16.53 16.33
N GLU B 189 16.96 16.79 17.59
CA GLU B 189 17.98 17.06 18.57
C GLU B 189 18.73 15.78 18.83
N LYS B 190 18.04 14.66 18.85
CA LYS B 190 18.69 13.39 19.09
C LYS B 190 19.58 13.01 17.92
N ALA B 191 19.07 13.11 16.70
CA ALA B 191 19.83 12.72 15.53
C ALA B 191 21.05 13.61 15.29
N PHE B 192 20.88 14.91 15.49
CA PHE B 192 21.91 15.87 15.22
C PHE B 192 23.00 15.71 16.29
N THR B 193 22.60 15.50 17.52
CA THR B 193 23.54 15.31 18.60
C THR B 193 24.41 14.09 18.29
N ALA B 194 23.77 13.02 17.84
CA ALA B 194 24.48 11.80 17.52
C ALA B 194 25.39 11.97 16.32
N TYR B 195 24.83 12.48 15.23
CA TYR B 195 25.55 12.46 13.96
C TYR B 195 26.49 13.64 13.78
N LEU B 196 26.12 14.78 14.34
CA LEU B 196 26.85 16.03 14.15
C LEU B 196 27.55 16.57 15.39
N GLY B 197 27.19 16.07 16.57
CA GLY B 197 27.81 16.52 17.80
C GLY B 197 27.01 17.62 18.49
N LYS B 198 27.61 18.17 19.53
CA LYS B 198 26.91 19.08 20.40
C LYS B 198 27.00 20.55 20.00
N ASP B 199 27.76 20.86 18.96
CA ASP B 199 27.84 22.25 18.51
C ASP B 199 26.65 22.51 17.60
N ARG B 200 25.66 23.21 18.15
CA ARG B 200 24.40 23.43 17.46
C ARG B 200 24.57 24.28 16.21
N GLU B 201 25.68 25.02 16.11
CA GLU B 201 25.92 25.81 14.91
C GLU B 201 25.99 24.91 13.68
N LYS B 202 26.51 23.70 13.87
CA LYS B 202 26.71 22.76 12.79
C LYS B 202 25.38 22.18 12.30
N TRP B 203 24.34 22.30 13.12
CA TRP B 203 23.04 21.73 12.79
C TRP B 203 22.28 22.62 11.80
N GLN B 204 22.62 23.90 11.78
CA GLN B 204 21.79 24.88 11.09
C GLN B 204 21.71 24.64 9.59
N GLN B 205 22.76 24.07 9.02
CA GLN B 205 22.81 23.76 7.57
C GLN B 205 21.88 22.60 7.20
N TYR B 206 21.31 21.94 8.20
CA TYR B 206 20.37 20.84 7.98
C TYR B 206 19.00 21.08 8.61
N ASP B 207 18.60 22.34 8.70
CA ASP B 207 17.36 22.70 9.37
C ASP B 207 16.60 23.69 8.47
N ALA B 208 15.47 23.27 7.92
CA ALA B 208 14.81 24.10 6.92
C ALA B 208 14.43 25.47 7.48
N ASN B 209 13.91 25.49 8.69
CA ASN B 209 13.53 26.72 9.35
C ASN B 209 14.73 27.65 9.48
N SER B 210 15.85 27.10 9.97
CA SER B 210 17.05 27.89 10.10
C SER B 210 17.55 28.40 8.75
N LEU B 211 17.49 27.54 7.73
CA LEU B 211 17.97 27.93 6.42
C LEU B 211 17.17 29.10 5.86
N ILE B 212 15.86 29.09 6.04
CA ILE B 212 15.03 30.23 5.64
C ILE B 212 15.45 31.47 6.43
N GLN B 213 15.63 31.34 7.74
CA GLN B 213 16.08 32.45 8.57
C GLN B 213 17.38 33.05 8.07
N GLN B 214 18.27 32.18 7.62
CA GLN B 214 19.59 32.57 7.14
C GLN B 214 19.56 33.21 5.74
N GLY B 215 18.42 33.15 5.08
CA GLY B 215 18.24 33.80 3.80
C GLY B 215 18.28 32.88 2.58
N TYR B 216 18.32 31.56 2.80
CA TYR B 216 18.23 30.63 1.69
C TYR B 216 16.80 30.66 1.15
N LYS B 217 16.68 30.65 -0.18
CA LYS B 217 15.38 30.81 -0.86
C LYS B 217 15.17 29.76 -1.94
N VAL B 218 13.91 29.43 -2.18
CA VAL B 218 13.50 28.71 -3.37
C VAL B 218 12.35 29.50 -3.99
N GLN B 219 12.00 29.19 -5.23
CA GLN B 219 10.95 29.95 -5.90
C GLN B 219 9.59 29.72 -5.22
N GLY B 220 9.40 28.52 -4.69
CA GLY B 220 8.16 28.18 -4.01
C GLY B 220 8.29 26.81 -3.38
N MET B 221 7.34 26.46 -2.53
CA MET B 221 7.29 25.11 -2.02
C MET B 221 5.87 24.80 -1.61
N ARG B 222 5.46 23.57 -1.82
CA ARG B 222 4.14 23.15 -1.38
C ARG B 222 4.30 22.14 -0.26
N ILE B 223 3.60 22.38 0.84
CA ILE B 223 3.61 21.54 2.01
C ILE B 223 2.19 21.16 2.42
N ASP B 224 1.93 19.88 2.62
CA ASP B 224 0.63 19.41 3.04
C ASP B 224 0.75 18.77 4.40
N GLN B 225 -0.09 19.17 5.33
CA GLN B 225 0.01 18.73 6.71
C GLN B 225 -1.36 18.32 7.22
N GLY B 226 -1.47 17.12 7.76
CA GLY B 226 -2.72 16.66 8.34
C GLY B 226 -2.88 17.19 9.74
N LEU B 227 -4.09 17.60 10.06
CA LEU B 227 -4.36 18.21 11.36
C LEU B 227 -4.56 17.18 12.47
N GLU B 228 -4.78 15.92 12.11
CA GLU B 228 -4.88 14.86 13.10
C GLU B 228 -3.60 14.04 13.21
N ASP B 229 -2.52 14.65 12.77
CA ASP B 229 -1.20 14.06 12.85
C ASP B 229 -0.65 14.16 14.26
N GLU B 230 -0.42 13.02 14.90
CA GLU B 230 0.01 13.03 16.30
C GLU B 230 1.34 13.74 16.51
N PHE B 231 2.14 13.86 15.46
CA PHE B 231 3.47 14.46 15.57
C PHE B 231 3.45 15.95 15.29
N LEU B 232 2.31 16.48 14.87
CA LEU B 232 2.27 17.90 14.52
C LEU B 232 2.76 18.79 15.67
N PRO B 233 2.20 18.60 16.87
CA PRO B 233 2.62 19.45 18.00
C PRO B 233 4.01 19.16 18.56
N THR B 234 4.49 17.94 18.39
CA THR B 234 5.69 17.50 19.07
C THR B 234 6.93 17.54 18.17
N GLN B 235 6.77 17.36 16.87
CA GLN B 235 7.92 17.22 16.00
C GLN B 235 7.96 18.10 14.77
N LEU B 236 6.83 18.63 14.32
CA LEU B 236 6.80 19.21 12.99
C LEU B 236 6.90 20.74 12.89
N ARG B 237 6.27 21.46 13.81
CA ARG B 237 6.48 22.91 13.96
C ARG B 237 6.08 23.68 12.70
N THR B 238 4.97 23.27 12.09
CA THR B 238 4.52 23.86 10.83
C THR B 238 4.17 25.33 10.95
N GLU B 239 3.38 25.70 11.96
CA GLU B 239 3.03 27.11 12.14
C GLU B 239 4.27 27.99 12.36
N ASP B 240 5.26 27.50 13.09
CA ASP B 240 6.46 28.30 13.28
C ASP B 240 7.19 28.52 11.96
N PHE B 241 7.20 27.50 11.12
CA PHE B 241 7.85 27.61 9.83
C PHE B 241 7.14 28.64 8.96
N ILE B 242 5.82 28.66 9.02
CA ILE B 242 5.05 29.65 8.26
C ILE B 242 5.45 31.05 8.67
N GLU B 243 5.62 31.26 9.96
CA GLU B 243 6.03 32.58 10.47
C GLU B 243 7.45 32.92 10.03
N THR B 244 8.32 31.93 10.06
CA THR B 244 9.69 32.13 9.60
C THR B 244 9.72 32.56 8.14
N CYS B 245 8.94 31.88 7.31
CA CYS B 245 8.86 32.20 5.90
C CYS B 245 8.27 33.59 5.69
N ARG B 246 7.26 33.93 6.48
CA ARG B 246 6.66 35.26 6.38
C ARG B 246 7.72 36.33 6.64
N ALA B 247 8.46 36.17 7.73
CA ALA B 247 9.47 37.14 8.11
C ALA B 247 10.60 37.26 7.08
N ALA B 248 10.88 36.18 6.39
CA ALA B 248 11.96 36.13 5.41
C ALA B 248 11.49 36.46 3.99
N ASN B 249 10.19 36.69 3.84
CA ASN B 249 9.63 36.94 2.51
C ASN B 249 9.87 35.74 1.57
N GLN B 250 9.73 34.54 2.11
CA GLN B 250 9.82 33.31 1.32
C GLN B 250 8.41 32.79 1.09
N PRO B 251 7.99 32.73 -0.18
CA PRO B 251 6.63 32.21 -0.40
C PRO B 251 6.55 30.74 -0.05
N VAL B 252 5.42 30.34 0.52
CA VAL B 252 5.19 28.95 0.87
C VAL B 252 3.69 28.68 0.81
N ASP B 253 3.34 27.53 0.24
CA ASP B 253 1.97 27.11 0.07
C ASP B 253 1.75 25.92 1.00
N VAL B 254 1.33 26.21 2.23
CA VAL B 254 1.02 25.19 3.21
C VAL B 254 -0.47 24.92 3.27
N ARG B 255 -0.82 23.65 3.14
CA ARG B 255 -2.19 23.19 3.19
C ARG B 255 -2.38 22.30 4.38
N PHE B 256 -3.24 22.72 5.29
CA PHE B 256 -3.62 21.93 6.44
C PHE B 256 -4.90 21.19 6.12
N HIS B 257 -4.93 19.91 6.46
CA HIS B 257 -6.02 19.04 6.08
C HIS B 257 -6.74 18.47 7.28
N LYS B 258 -7.97 18.93 7.47
CA LYS B 258 -8.79 18.47 8.57
C LYS B 258 -8.98 16.96 8.49
N GLY B 259 -8.79 16.28 9.61
CA GLY B 259 -9.09 14.86 9.69
C GLY B 259 -7.97 13.91 9.31
N TYR B 260 -6.96 14.41 8.61
CA TYR B 260 -5.89 13.56 8.09
C TYR B 260 -4.73 13.42 9.06
N ASP B 261 -4.09 12.26 9.05
CA ASP B 261 -3.03 11.92 9.97
C ASP B 261 -1.63 11.93 9.30
N HIS B 262 -0.67 11.19 9.85
CA HIS B 262 0.71 11.19 9.39
C HIS B 262 0.98 10.05 8.45
N SER B 263 -0.01 9.22 8.19
CA SER B 263 0.22 7.92 7.55
C SER B 263 0.24 7.99 6.04
N TYR B 264 0.57 6.87 5.43
CA TYR B 264 0.50 6.76 3.97
C TYR B 264 -0.94 6.86 3.44
N TYR B 265 -1.94 6.74 4.31
CA TYR B 265 -3.31 7.00 3.89
C TYR B 265 -3.48 8.47 3.52
N PHE B 266 -2.83 9.33 4.29
CA PHE B 266 -2.79 10.77 4.02
C PHE B 266 -1.99 11.06 2.76
N ILE B 267 -0.79 10.50 2.67
CA ILE B 267 0.05 10.72 1.52
C ILE B 267 -0.68 10.30 0.25
N ALA B 268 -1.30 9.14 0.26
CA ALA B 268 -1.98 8.62 -0.92
C ALA B 268 -3.06 9.58 -1.41
N SER B 269 -3.67 10.31 -0.47
CA SER B 269 -4.81 11.17 -0.76
C SER B 269 -4.42 12.42 -1.54
N PHE B 270 -3.14 12.80 -1.48
CA PHE B 270 -2.69 14.03 -2.14
C PHE B 270 -1.45 13.85 -3.00
N ILE B 271 -0.91 12.64 -3.08
CA ILE B 271 0.30 12.44 -3.87
C ILE B 271 0.10 12.78 -5.35
N GLY B 272 -1.10 12.56 -5.87
CA GLY B 272 -1.37 12.92 -7.26
C GLY B 272 -1.17 14.41 -7.48
N GLU B 273 -1.60 15.23 -6.53
CA GLU B 273 -1.43 16.68 -6.65
C GLU B 273 0.04 17.06 -6.64
N HIS B 274 0.83 16.35 -5.85
CA HIS B 274 2.27 16.62 -5.84
C HIS B 274 2.93 16.17 -7.15
N ILE B 275 2.56 15.01 -7.67
CA ILE B 275 3.14 14.57 -8.94
C ILE B 275 2.81 15.60 -10.02
N ALA B 276 1.58 16.08 -10.05
CA ALA B 276 1.19 17.08 -11.04
C ALA B 276 1.96 18.39 -10.86
N TYR B 277 2.15 18.78 -9.59
CA TYR B 277 2.88 20.00 -9.23
C TYR B 277 4.29 19.96 -9.81
N HIS B 278 5.01 18.88 -9.55
CA HIS B 278 6.35 18.74 -10.05
C HIS B 278 6.42 18.53 -11.54
N ALA B 279 5.49 17.77 -12.10
CA ALA B 279 5.58 17.48 -13.52
C ALA B 279 5.62 18.76 -14.36
N ALA B 280 4.88 19.79 -13.94
CA ALA B 280 4.82 21.04 -14.72
C ALA B 280 6.19 21.71 -14.78
N PHE B 281 7.00 21.53 -13.75
CA PHE B 281 8.34 22.13 -13.69
C PHE B 281 9.38 21.27 -14.38
N LEU B 282 9.03 20.05 -14.77
CA LEU B 282 10.00 19.10 -15.31
C LEU B 282 9.88 18.82 -16.80
N LYS B 283 9.02 19.54 -17.52
CA LYS B 283 8.89 19.30 -18.94
C LYS B 283 10.09 19.86 -19.69
#